data_7MYH
#
_entry.id   7MYH
#
_cell.length_a   38.841
_cell.length_b   76.088
_cell.length_c   135.482
_cell.angle_alpha   90.000
_cell.angle_beta   90.000
_cell.angle_gamma   90.000
#
_symmetry.space_group_name_H-M   'P 21 21 21'
#
loop_
_entity.id
_entity.type
_entity.pdbx_description
1 polymer 'Ubiquitin-conjugating enzyme E2 K'
2 polymer 'Ubiquitin variant UbV.k.2'
3 non-polymer GLYCEROL
4 water water
#
loop_
_entity_poly.entity_id
_entity_poly.type
_entity_poly.pdbx_seq_one_letter_code
_entity_poly.pdbx_strand_id
1 'polypeptide(L)'
;MAANIAVQRIKREFKEVLKSEETSKNQIKVDLVDENFTELRGEIAGPPDTPYEGGRYQLEIKIPETYPFNPPKVRFITKI
WHPNISSVTGAICLDILKDQWAAAMTLRTVLLSLQALLAAAEPDDPQDAVVANQYKQNPEMFKQTARLWAHVYAGAPVSS
PEYTKKIENLCAMGFDRNAVIVALSSKSWDVETATELLLSN
;
A
2 'polypeptide(L)'
;GPGDYKKDDDDKMQIFVSTFVGLTIMLEVEPSDTIENVKAKIQDKEGIPPDQQRLIFAGKQLEDGRTLSDYNIQNDSILR
LVIRLRGLLGGGSGG
;
B
#
# COMPACT_ATOMS: atom_id res chain seq x y z
N ALA A 2 -7.54 12.44 20.42
CA ALA A 2 -6.94 11.12 20.36
C ALA A 2 -6.06 10.87 21.61
N ALA A 3 -6.03 9.64 22.12
CA ALA A 3 -5.15 9.31 23.25
C ALA A 3 -3.69 9.61 22.89
N ASN A 4 -3.00 10.32 23.77
CA ASN A 4 -1.58 10.57 23.57
C ASN A 4 -0.80 9.27 23.36
N ILE A 5 -1.17 8.19 24.05
CA ILE A 5 -0.48 6.91 23.85
C ILE A 5 -0.61 6.46 22.40
N ALA A 6 -1.77 6.69 21.80
CA ALA A 6 -1.99 6.23 20.44
C ALA A 6 -1.20 7.07 19.44
N VAL A 7 -1.26 8.40 19.57
CA VAL A 7 -0.58 9.22 18.57
C VAL A 7 0.93 9.17 18.76
N GLN A 8 1.42 9.14 20.00
CA GLN A 8 2.86 9.03 20.15
C GLN A 8 3.35 7.74 19.55
N ARG A 9 2.63 6.63 19.79
CA ARG A 9 3.07 5.34 19.30
C ARG A 9 3.01 5.24 17.78
N ILE A 10 1.97 5.79 17.16
CA ILE A 10 1.89 5.74 15.71
C ILE A 10 3.01 6.54 15.08
N LYS A 11 3.24 7.76 15.59
CA LYS A 11 4.32 8.60 15.11
C LYS A 11 5.66 7.89 15.20
N ARG A 12 5.93 7.26 16.36
CA ARG A 12 7.22 6.58 16.53
C ARG A 12 7.34 5.41 15.57
N GLU A 13 6.26 4.64 15.42
CA GLU A 13 6.27 3.47 14.54
C GLU A 13 6.30 3.87 13.08
N PHE A 14 5.64 4.98 12.73
CA PHE A 14 5.75 5.51 11.38
C PHE A 14 7.20 5.88 11.05
N LYS A 15 7.83 6.74 11.86
CA LYS A 15 9.27 7.04 11.72
C LYS A 15 10.11 5.78 11.61
N GLU A 16 9.90 4.82 12.51
CA GLU A 16 10.66 3.57 12.50
C GLU A 16 10.58 2.88 11.14
N VAL A 17 9.40 2.86 10.52
CA VAL A 17 9.30 2.19 9.22
C VAL A 17 10.07 2.97 8.16
N LEU A 18 9.90 4.29 8.15
CA LEU A 18 10.67 5.14 7.25
C LEU A 18 12.17 4.83 7.34
N LYS A 19 12.70 4.77 8.56
CA LYS A 19 14.13 4.55 8.76
C LYS A 19 14.50 3.08 8.65
N SER A 20 13.55 2.19 8.38
CA SER A 20 13.88 0.78 8.48
C SER A 20 14.83 0.37 7.36
N GLU A 21 15.55 -0.71 7.62
CA GLU A 21 16.32 -1.37 6.59
C GLU A 21 15.40 -1.94 5.51
N GLU A 22 14.29 -2.56 5.91
CA GLU A 22 13.37 -3.11 4.94
C GLU A 22 12.83 -2.04 4.00
N THR A 23 12.67 -0.80 4.48
CA THR A 23 12.31 0.27 3.57
C THR A 23 13.51 0.65 2.68
N SER A 24 14.69 0.67 3.26
CA SER A 24 15.89 0.97 2.48
C SER A 24 16.03 0.01 1.30
N LYS A 25 15.70 -1.27 1.51
CA LYS A 25 15.70 -2.27 0.44
C LYS A 25 14.39 -2.33 -0.33
N ASN A 26 13.58 -1.26 -0.28
CA ASN A 26 12.32 -1.12 -1.03
C ASN A 26 11.40 -2.33 -0.84
N GLN A 27 11.36 -2.87 0.37
CA GLN A 27 10.48 -3.99 0.66
C GLN A 27 9.15 -3.58 1.29
N ILE A 28 9.13 -2.52 2.11
CA ILE A 28 7.92 -2.01 2.73
C ILE A 28 8.02 -0.50 2.70
N LYS A 29 6.87 0.19 2.67
CA LYS A 29 6.91 1.61 2.95
C LYS A 29 5.57 2.08 3.51
N VAL A 30 5.61 3.25 4.19
CA VAL A 30 4.44 3.91 4.75
C VAL A 30 4.35 5.32 4.17
N ASP A 31 3.12 5.80 3.99
CA ASP A 31 2.84 7.17 3.54
C ASP A 31 1.71 7.76 4.37
N LEU A 32 1.73 9.09 4.50
CA LEU A 32 0.55 9.82 4.93
C LEU A 32 -0.40 10.00 3.76
N VAL A 33 -1.70 10.01 4.07
CA VAL A 33 -2.71 10.40 3.09
C VAL A 33 -3.27 11.79 3.35
N ASP A 34 -3.16 12.29 4.57
CA ASP A 34 -3.35 13.71 4.83
C ASP A 34 -2.73 14.03 6.20
N GLU A 35 -3.07 15.19 6.76
CA GLU A 35 -2.35 15.74 7.91
C GLU A 35 -2.65 15.05 9.24
N ASN A 36 -3.13 13.81 9.23
CA ASN A 36 -3.38 13.06 10.45
C ASN A 36 -2.58 11.76 10.41
N PHE A 37 -2.52 11.11 11.56
CA PHE A 37 -1.99 9.77 11.68
C PHE A 37 -3.09 8.74 11.92
N THR A 38 -4.32 9.02 11.51
CA THR A 38 -5.41 8.08 11.77
C THR A 38 -5.59 7.08 10.64
N GLU A 39 -5.34 7.51 9.40
CA GLU A 39 -5.33 6.63 8.24
C GLU A 39 -3.96 6.73 7.59
N LEU A 40 -3.35 5.58 7.34
CA LEU A 40 -2.08 5.53 6.65
C LEU A 40 -2.21 4.68 5.39
N ARG A 41 -1.24 4.85 4.50
CA ARG A 41 -1.14 4.03 3.31
C ARG A 41 0.14 3.22 3.40
N GLY A 42 0.02 1.89 3.30
CA GLY A 42 1.18 1.03 3.36
C GLY A 42 1.49 0.44 2.01
N GLU A 43 2.71 -0.06 1.83
CA GLU A 43 3.10 -0.65 0.56
C GLU A 43 4.05 -1.80 0.84
N ILE A 44 3.78 -2.98 0.28
CA ILE A 44 4.68 -4.12 0.41
C ILE A 44 5.06 -4.66 -0.98
N ALA A 45 6.32 -5.06 -1.11
CA ALA A 45 6.84 -5.70 -2.30
C ALA A 45 6.52 -7.19 -2.25
N GLY A 46 6.13 -7.77 -3.39
CA GLY A 46 5.85 -9.19 -3.43
C GLY A 46 7.09 -9.99 -3.06
N PRO A 47 6.93 -11.05 -2.25
CA PRO A 47 8.09 -11.84 -1.86
C PRO A 47 8.68 -12.55 -3.07
N PRO A 48 9.98 -12.82 -3.06
CA PRO A 48 10.60 -13.47 -4.23
C PRO A 48 10.19 -14.92 -4.29
N ASP A 49 10.19 -15.46 -5.50
CA ASP A 49 9.81 -16.84 -5.76
C ASP A 49 8.36 -17.12 -5.42
N THR A 50 7.49 -16.14 -5.62
CA THR A 50 6.06 -16.28 -5.47
C THR A 50 5.41 -15.61 -6.66
N PRO A 51 4.16 -15.93 -6.98
CA PRO A 51 3.53 -15.28 -8.14
C PRO A 51 3.50 -13.77 -8.01
N TYR A 52 3.64 -13.23 -6.79
CA TYR A 52 3.58 -11.79 -6.56
C TYR A 52 4.90 -11.09 -6.79
N GLU A 53 5.97 -11.84 -7.09
CA GLU A 53 7.27 -11.23 -7.32
C GLU A 53 7.19 -10.13 -8.37
N GLY A 54 7.93 -9.05 -8.14
CA GLY A 54 7.92 -7.93 -9.06
C GLY A 54 6.75 -7.00 -8.88
N GLY A 55 5.72 -7.43 -8.14
CA GLY A 55 4.58 -6.59 -7.88
C GLY A 55 4.72 -5.81 -6.58
N ARG A 56 3.92 -4.74 -6.47
CA ARG A 56 3.84 -3.94 -5.26
C ARG A 56 2.37 -3.76 -4.92
N TYR A 57 2.06 -3.81 -3.62
CA TYR A 57 0.70 -3.91 -3.12
C TYR A 57 0.44 -2.79 -2.14
N GLN A 58 -0.49 -1.88 -2.48
CA GLN A 58 -0.85 -0.79 -1.58
C GLN A 58 -1.87 -1.25 -0.54
N LEU A 59 -1.72 -0.74 0.68
CA LEU A 59 -2.48 -1.17 1.83
C LEU A 59 -3.14 0.03 2.47
N GLU A 60 -4.45 -0.06 2.68
CA GLU A 60 -5.20 0.91 3.47
C GLU A 60 -5.07 0.50 4.94
N ILE A 61 -4.61 1.42 5.78
CA ILE A 61 -4.29 1.14 7.18
C ILE A 61 -5.00 2.17 8.06
N LYS A 62 -5.96 1.72 8.85
CA LYS A 62 -6.68 2.58 9.78
C LYS A 62 -6.35 2.19 11.22
N ILE A 63 -6.02 3.20 12.03
CA ILE A 63 -5.51 3.02 13.39
C ILE A 63 -6.64 3.29 14.36
N PRO A 64 -7.18 2.29 15.05
CA PRO A 64 -8.34 2.54 15.91
C PRO A 64 -8.00 3.43 17.11
N GLU A 65 -9.05 4.03 17.68
CA GLU A 65 -8.89 4.88 18.85
C GLU A 65 -8.18 4.16 19.98
N THR A 66 -8.35 2.83 20.07
CA THR A 66 -7.84 2.02 21.17
C THR A 66 -6.42 1.50 20.93
N TYR A 67 -5.75 1.92 19.87
CA TYR A 67 -4.37 1.53 19.67
C TYR A 67 -3.54 1.95 20.89
N PRO A 68 -2.58 1.12 21.34
CA PRO A 68 -2.09 -0.13 20.75
C PRO A 68 -2.72 -1.41 21.26
N PHE A 69 -3.93 -1.37 21.83
CA PHE A 69 -4.51 -2.56 22.43
C PHE A 69 -5.48 -3.30 21.53
N ASN A 70 -5.79 -2.75 20.36
CA ASN A 70 -6.46 -3.43 19.25
C ASN A 70 -5.64 -3.20 18.01
N PRO A 71 -5.63 -4.16 17.09
CA PRO A 71 -4.77 -4.04 15.90
C PRO A 71 -5.24 -2.94 14.96
N PRO A 72 -4.36 -2.43 14.11
CA PRO A 72 -4.83 -1.60 12.99
C PRO A 72 -5.80 -2.38 12.11
N LYS A 73 -6.70 -1.64 11.44
CA LYS A 73 -7.57 -2.25 10.43
C LYS A 73 -6.86 -2.17 9.09
N VAL A 74 -6.62 -3.30 8.46
CA VAL A 74 -5.83 -3.28 7.24
C VAL A 74 -6.61 -3.92 6.11
N ARG A 75 -6.49 -3.34 4.92
CA ARG A 75 -7.09 -3.88 3.72
C ARG A 75 -6.19 -3.63 2.52
N PHE A 76 -6.09 -4.61 1.62
CA PHE A 76 -5.43 -4.38 0.34
C PHE A 76 -6.26 -3.45 -0.52
N ILE A 77 -5.64 -2.35 -0.92
CA ILE A 77 -6.18 -1.51 -1.96
C ILE A 77 -5.89 -2.12 -3.33
N THR A 78 -4.68 -2.64 -3.52
CA THR A 78 -4.32 -3.33 -4.75
C THR A 78 -4.99 -4.70 -4.78
N LYS A 79 -5.62 -5.01 -5.89
CA LYS A 79 -6.28 -6.30 -6.07
C LYS A 79 -5.23 -7.41 -6.19
N ILE A 80 -5.57 -8.58 -5.66
CA ILE A 80 -4.59 -9.64 -5.49
C ILE A 80 -5.32 -10.98 -5.43
N TRP A 81 -4.70 -12.01 -5.98
CA TRP A 81 -5.27 -13.34 -6.01
C TRP A 81 -4.50 -14.18 -4.99
N HIS A 82 -5.14 -14.43 -3.83
CA HIS A 82 -4.49 -15.05 -2.70
C HIS A 82 -5.59 -15.60 -1.83
N PRO A 83 -5.43 -16.81 -1.26
CA PRO A 83 -6.53 -17.42 -0.49
C PRO A 83 -6.95 -16.66 0.76
N ASN A 84 -6.04 -15.91 1.40
CA ASN A 84 -6.35 -15.26 2.66
C ASN A 84 -6.66 -13.78 2.48
N ILE A 85 -6.89 -13.34 1.24
CA ILE A 85 -7.26 -11.97 0.92
C ILE A 85 -8.43 -12.01 -0.07
N SER A 86 -9.47 -11.24 0.20
CA SER A 86 -10.63 -11.24 -0.68
C SER A 86 -10.26 -10.60 -2.02
N SER A 87 -10.50 -11.35 -3.10
CA SER A 87 -10.26 -10.89 -4.46
C SER A 87 -11.20 -9.77 -4.88
N VAL A 88 -12.23 -9.51 -4.09
CA VAL A 88 -13.17 -8.45 -4.37
C VAL A 88 -12.92 -7.24 -3.51
N THR A 89 -12.82 -7.41 -2.19
CA THR A 89 -12.77 -6.27 -1.29
C THR A 89 -11.39 -5.94 -0.75
N GLY A 90 -10.45 -6.90 -0.81
CA GLY A 90 -9.15 -6.72 -0.19
C GLY A 90 -9.09 -7.08 1.29
N ALA A 91 -10.20 -7.53 1.87
CA ALA A 91 -10.21 -7.90 3.28
C ALA A 91 -9.15 -8.97 3.52
N ILE A 92 -8.62 -8.99 4.75
CA ILE A 92 -7.47 -9.82 5.09
C ILE A 92 -7.90 -10.79 6.17
N CYS A 93 -7.53 -12.05 6.02
CA CYS A 93 -7.65 -13.03 7.10
C CYS A 93 -6.22 -13.34 7.57
N LEU A 94 -5.80 -12.77 8.71
CA LEU A 94 -4.51 -13.02 9.33
C LEU A 94 -4.67 -12.86 10.84
N ASP A 95 -4.13 -13.82 11.61
CA ASP A 95 -4.49 -13.85 13.03
C ASP A 95 -4.06 -12.59 13.78
N ILE A 96 -2.92 -11.97 13.43
CA ILE A 96 -2.48 -10.79 14.19
C ILE A 96 -3.36 -9.57 13.98
N LEU A 97 -4.24 -9.59 12.96
CA LEU A 97 -5.21 -8.53 12.78
C LEU A 97 -6.58 -8.87 13.33
N LYS A 98 -6.79 -10.07 13.90
CA LYS A 98 -8.05 -10.27 14.59
C LYS A 98 -7.80 -10.66 16.04
N ASP A 99 -7.42 -11.89 16.35
CA ASP A 99 -7.42 -12.35 17.73
C ASP A 99 -6.04 -12.53 18.32
N GLN A 100 -4.97 -12.48 17.52
CA GLN A 100 -3.62 -12.65 18.04
C GLN A 100 -2.81 -11.35 17.99
N TRP A 101 -3.48 -10.21 18.08
CA TRP A 101 -2.73 -8.96 18.18
C TRP A 101 -2.07 -8.89 19.54
N ALA A 102 -0.87 -8.31 19.58
CA ALA A 102 -0.20 -8.01 20.84
C ALA A 102 0.29 -6.56 20.80
N ALA A 103 0.23 -5.90 21.96
CA ALA A 103 0.53 -4.48 22.03
C ALA A 103 1.96 -4.15 21.60
N ALA A 104 2.89 -5.09 21.75
CA ALA A 104 4.24 -4.83 21.29
C ALA A 104 4.41 -4.88 19.77
N MET A 105 3.43 -5.37 19.01
CA MET A 105 3.59 -5.39 17.55
C MET A 105 3.55 -3.98 17.01
N THR A 106 4.02 -3.79 15.76
CA THR A 106 4.22 -2.46 15.19
C THR A 106 3.74 -2.38 13.76
N LEU A 107 3.71 -1.15 13.24
CA LEU A 107 3.53 -0.92 11.81
C LEU A 107 4.48 -1.77 10.98
N ARG A 108 5.78 -1.65 11.27
CA ARG A 108 6.78 -2.49 10.62
C ARG A 108 6.37 -3.96 10.65
N THR A 109 6.06 -4.45 11.83
CA THR A 109 5.79 -5.87 12.04
C THR A 109 4.55 -6.33 11.29
N VAL A 110 3.52 -5.49 11.27
CA VAL A 110 2.34 -5.83 10.48
C VAL A 110 2.71 -5.95 9.00
N LEU A 111 3.46 -4.98 8.47
CA LEU A 111 3.79 -4.97 7.04
C LEU A 111 4.60 -6.20 6.65
N LEU A 112 5.61 -6.59 7.45
CA LEU A 112 6.38 -7.78 7.13
C LEU A 112 5.57 -9.06 7.35
N SER A 113 4.61 -9.04 8.27
CA SER A 113 3.72 -10.19 8.39
C SER A 113 2.81 -10.31 7.18
N LEU A 114 2.36 -9.18 6.64
CA LEU A 114 1.53 -9.25 5.44
C LEU A 114 2.35 -9.73 4.25
N GLN A 115 3.63 -9.36 4.20
CA GLN A 115 4.49 -9.89 3.15
C GLN A 115 4.71 -11.38 3.32
N ALA A 116 4.97 -11.82 4.54
CA ALA A 116 5.11 -13.25 4.80
C ALA A 116 3.84 -14.00 4.45
N LEU A 117 2.69 -13.40 4.68
CA LEU A 117 1.45 -14.07 4.30
C LEU A 117 1.42 -14.35 2.80
N LEU A 118 1.96 -13.44 1.98
CA LEU A 118 1.96 -13.69 0.52
C LEU A 118 2.83 -14.89 0.18
N ALA A 119 3.97 -15.03 0.85
CA ALA A 119 4.84 -16.17 0.59
C ALA A 119 4.34 -17.46 1.25
N ALA A 120 3.40 -17.37 2.21
CA ALA A 120 2.94 -18.56 2.94
C ALA A 120 1.43 -18.48 3.17
N ALA A 121 0.65 -18.76 2.13
CA ALA A 121 -0.79 -18.82 2.25
C ALA A 121 -1.22 -19.96 3.17
N GLU A 122 -2.26 -19.71 3.98
CA GLU A 122 -2.88 -20.72 4.84
C GLU A 122 -4.29 -21.02 4.32
N PRO A 123 -4.46 -22.01 3.44
CA PRO A 123 -5.73 -22.14 2.71
C PRO A 123 -6.89 -22.73 3.51
N ASP A 124 -6.63 -23.31 4.70
CA ASP A 124 -7.70 -23.78 5.56
C ASP A 124 -8.05 -22.77 6.66
N ASP A 125 -7.52 -21.56 6.58
CA ASP A 125 -8.12 -20.37 7.17
C ASP A 125 -8.40 -19.41 6.02
N PRO A 126 -9.31 -19.77 5.12
CA PRO A 126 -9.50 -18.96 3.92
C PRO A 126 -10.27 -17.68 4.17
N GLN A 127 -9.98 -16.71 3.31
CA GLN A 127 -10.82 -15.53 3.15
C GLN A 127 -11.70 -15.67 1.90
N ASP A 128 -11.09 -16.04 0.79
CA ASP A 128 -11.77 -16.20 -0.49
C ASP A 128 -11.90 -17.68 -0.78
N ALA A 129 -13.09 -18.24 -0.50
CA ALA A 129 -13.37 -19.64 -0.80
C ALA A 129 -13.02 -20.00 -2.24
N VAL A 130 -13.39 -19.14 -3.20
CA VAL A 130 -13.13 -19.44 -4.61
C VAL A 130 -11.62 -19.52 -4.88
N VAL A 131 -10.85 -18.56 -4.36
CA VAL A 131 -9.40 -18.61 -4.52
C VAL A 131 -8.83 -19.83 -3.81
N ALA A 132 -9.32 -20.11 -2.60
CA ALA A 132 -8.70 -21.16 -1.78
C ALA A 132 -8.93 -22.53 -2.38
N ASN A 133 -10.12 -22.77 -2.95
CA ASN A 133 -10.36 -24.02 -3.65
C ASN A 133 -9.47 -24.16 -4.89
N GLN A 134 -9.31 -23.08 -5.66
CA GLN A 134 -8.40 -23.17 -6.81
C GLN A 134 -6.97 -23.40 -6.34
N TYR A 135 -6.59 -22.74 -5.24
CA TYR A 135 -5.26 -22.97 -4.64
C TYR A 135 -5.05 -24.46 -4.39
N LYS A 136 -6.01 -25.10 -3.71
CA LYS A 136 -5.86 -26.49 -3.30
C LYS A 136 -6.02 -27.47 -4.47
N GLN A 137 -7.01 -27.25 -5.33
CA GLN A 137 -7.38 -28.25 -6.34
C GLN A 137 -6.47 -28.22 -7.56
N ASN A 138 -6.13 -27.04 -8.06
CA ASN A 138 -5.27 -26.89 -9.23
C ASN A 138 -4.16 -25.88 -8.96
N PRO A 139 -3.11 -26.29 -8.22
CA PRO A 139 -2.07 -25.33 -7.83
C PRO A 139 -1.46 -24.54 -8.97
N GLU A 140 -1.16 -25.16 -10.11
CA GLU A 140 -0.50 -24.42 -11.17
C GLU A 140 -1.39 -23.33 -11.75
N MET A 141 -2.71 -23.54 -11.76
CA MET A 141 -3.60 -22.51 -12.27
C MET A 141 -3.66 -21.33 -11.31
N PHE A 142 -3.73 -21.63 -10.00
CA PHE A 142 -3.65 -20.56 -9.02
C PHE A 142 -2.38 -19.75 -9.21
N LYS A 143 -1.25 -20.44 -9.35
CA LYS A 143 0.02 -19.74 -9.50
C LYS A 143 -0.01 -18.81 -10.71
N GLN A 144 -0.50 -19.32 -11.86
CA GLN A 144 -0.54 -18.51 -13.07
C GLN A 144 -1.63 -17.43 -12.99
N THR A 145 -2.73 -17.71 -12.30
CA THR A 145 -3.73 -16.67 -12.12
C THR A 145 -3.19 -15.56 -11.23
N ALA A 146 -2.54 -15.94 -10.12
CA ALA A 146 -1.98 -14.94 -9.23
C ALA A 146 -0.92 -14.11 -9.93
N ARG A 147 -0.03 -14.78 -10.68
CA ARG A 147 0.95 -14.06 -11.48
C ARG A 147 0.27 -13.12 -12.47
N LEU A 148 -0.88 -13.52 -12.99
CA LEU A 148 -1.59 -12.64 -13.91
C LEU A 148 -2.15 -11.43 -13.16
N TRP A 149 -2.82 -11.68 -12.03
CA TRP A 149 -3.28 -10.55 -11.21
C TRP A 149 -2.13 -9.68 -10.79
N ALA A 150 -1.01 -10.29 -10.37
CA ALA A 150 0.21 -9.57 -10.04
C ALA A 150 0.65 -8.69 -11.20
N HIS A 151 0.49 -9.19 -12.43
CA HIS A 151 0.94 -8.40 -13.56
C HIS A 151 -0.04 -7.28 -13.88
N VAL A 152 -1.34 -7.57 -13.95
CA VAL A 152 -2.25 -6.51 -14.37
C VAL A 152 -2.50 -5.48 -13.26
N TYR A 153 -2.49 -5.91 -11.99
CA TYR A 153 -2.89 -4.98 -10.93
C TYR A 153 -1.71 -4.41 -10.13
N ALA A 154 -0.59 -5.12 -10.03
CA ALA A 154 0.48 -4.76 -9.10
C ALA A 154 1.80 -4.44 -9.82
N GLY A 155 1.80 -4.40 -11.15
CA GLY A 155 2.94 -3.94 -11.90
C GLY A 155 4.04 -4.96 -12.03
N ALA A 156 3.75 -6.22 -11.73
CA ALA A 156 4.68 -7.31 -11.96
C ALA A 156 4.88 -7.49 -13.48
N PRO A 157 5.93 -8.20 -13.88
CA PRO A 157 6.16 -8.43 -15.32
C PRO A 157 5.18 -9.45 -15.90
N VAL A 158 5.22 -9.55 -17.23
CA VAL A 158 4.15 -10.20 -17.98
C VAL A 158 3.93 -11.63 -17.50
N SER A 159 2.65 -12.02 -17.45
CA SER A 159 2.22 -13.35 -17.03
C SER A 159 2.01 -14.28 -18.23
N SER A 160 1.48 -15.47 -17.94
CA SER A 160 1.24 -16.49 -18.96
C SER A 160 0.44 -15.90 -20.12
N PRO A 161 0.89 -16.12 -21.37
CA PRO A 161 0.13 -15.60 -22.52
C PRO A 161 -1.14 -16.37 -22.88
N GLU A 162 -1.32 -17.62 -22.45
CA GLU A 162 -2.64 -18.24 -22.61
C GLU A 162 -3.71 -17.36 -22.00
N TYR A 163 -3.57 -17.08 -20.71
CA TYR A 163 -4.58 -16.31 -20.00
C TYR A 163 -4.83 -14.99 -20.72
N THR A 164 -3.76 -14.39 -21.25
CA THR A 164 -3.91 -13.18 -22.03
C THR A 164 -4.74 -13.40 -23.29
N LYS A 165 -4.70 -14.62 -23.85
CA LYS A 165 -5.48 -14.93 -25.05
C LYS A 165 -6.96 -14.93 -24.76
N LYS A 166 -7.41 -15.85 -23.89
CA LYS A 166 -8.83 -15.92 -23.54
C LYS A 166 -9.35 -14.57 -23.06
N ILE A 167 -8.53 -13.79 -22.36
CA ILE A 167 -8.96 -12.44 -21.99
C ILE A 167 -9.18 -11.60 -23.23
N GLU A 168 -8.39 -11.82 -24.28
CA GLU A 168 -8.58 -11.09 -25.54
C GLU A 168 -9.89 -11.49 -26.22
N ASN A 169 -10.04 -12.78 -26.51
CA ASN A 169 -11.24 -13.29 -27.19
C ASN A 169 -12.50 -12.67 -26.61
N LEU A 170 -12.61 -12.69 -25.27
CA LEU A 170 -13.84 -12.26 -24.63
C LEU A 170 -13.92 -10.74 -24.53
N CYS A 171 -12.78 -10.05 -24.50
CA CYS A 171 -12.81 -8.60 -24.47
C CYS A 171 -13.32 -8.06 -25.80
N ALA A 172 -13.09 -8.82 -26.88
CA ALA A 172 -13.60 -8.44 -28.20
C ALA A 172 -15.12 -8.42 -28.23
N MET A 173 -15.76 -9.32 -27.47
CA MET A 173 -17.21 -9.41 -27.38
C MET A 173 -17.84 -8.30 -26.53
N GLY A 174 -17.10 -7.22 -26.23
CA GLY A 174 -17.66 -6.05 -25.61
C GLY A 174 -17.61 -6.00 -24.09
N PHE A 175 -17.13 -7.05 -23.44
CA PHE A 175 -17.12 -7.07 -21.99
C PHE A 175 -15.96 -6.23 -21.45
N ASP A 176 -16.20 -5.64 -20.28
CA ASP A 176 -15.14 -4.90 -19.60
C ASP A 176 -13.95 -5.81 -19.28
N ARG A 177 -12.75 -5.27 -19.45
CA ARG A 177 -11.54 -6.08 -19.35
C ARG A 177 -11.33 -6.65 -17.95
N ASN A 178 -11.53 -5.83 -16.92
CA ASN A 178 -11.36 -6.34 -15.56
C ASN A 178 -12.48 -7.30 -15.17
N ALA A 179 -13.71 -7.04 -15.65
CA ALA A 179 -14.79 -8.02 -15.48
C ALA A 179 -14.43 -9.37 -16.11
N VAL A 180 -13.74 -9.34 -17.26
CA VAL A 180 -13.34 -10.58 -17.90
C VAL A 180 -12.29 -11.30 -17.06
N ILE A 181 -11.28 -10.55 -16.61
CA ILE A 181 -10.24 -11.11 -15.74
C ILE A 181 -10.88 -11.80 -14.54
N VAL A 182 -11.74 -11.06 -13.83
CA VAL A 182 -12.48 -11.63 -12.70
C VAL A 182 -13.22 -12.89 -13.13
N ALA A 183 -14.14 -12.73 -14.09
CA ALA A 183 -14.95 -13.84 -14.56
C ALA A 183 -14.10 -15.05 -14.90
N LEU A 184 -13.10 -14.88 -15.76
CA LEU A 184 -12.26 -16.01 -16.16
C LEU A 184 -11.53 -16.62 -14.95
N SER A 185 -10.94 -15.78 -14.09
CA SER A 185 -10.20 -16.28 -12.92
C SER A 185 -11.10 -17.11 -12.01
N SER A 186 -12.30 -16.61 -11.74
CA SER A 186 -13.14 -17.24 -10.73
C SER A 186 -13.79 -18.50 -11.25
N LYS A 187 -13.96 -18.62 -12.58
CA LYS A 187 -14.48 -19.82 -13.23
C LYS A 187 -13.36 -20.70 -13.74
N SER A 188 -12.14 -20.51 -13.24
CA SER A 188 -11.01 -21.39 -13.53
C SER A 188 -10.75 -21.52 -15.02
N TRP A 189 -10.83 -20.38 -15.72
CA TRP A 189 -10.43 -20.21 -17.12
C TRP A 189 -11.22 -21.09 -18.09
N ASP A 190 -12.32 -21.68 -17.63
CA ASP A 190 -13.40 -22.19 -18.45
C ASP A 190 -14.00 -21.05 -19.26
N VAL A 191 -13.70 -20.98 -20.55
CA VAL A 191 -14.19 -19.88 -21.37
C VAL A 191 -15.71 -19.89 -21.47
N GLU A 192 -16.33 -21.07 -21.42
CA GLU A 192 -17.78 -21.16 -21.50
C GLU A 192 -18.47 -20.52 -20.30
N THR A 193 -18.26 -21.12 -19.12
CA THR A 193 -18.94 -20.63 -17.91
C THR A 193 -18.56 -19.20 -17.58
N ALA A 194 -17.34 -18.79 -17.93
CA ALA A 194 -16.98 -17.38 -17.79
C ALA A 194 -17.82 -16.50 -18.70
N THR A 195 -18.11 -16.97 -19.92
CA THR A 195 -18.93 -16.17 -20.82
C THR A 195 -20.37 -16.15 -20.34
N GLU A 196 -20.87 -17.27 -19.83
CA GLU A 196 -22.24 -17.31 -19.32
C GLU A 196 -22.41 -16.36 -18.13
N LEU A 197 -21.39 -16.27 -17.27
CA LEU A 197 -21.48 -15.35 -16.13
C LEU A 197 -21.44 -13.90 -16.59
N LEU A 198 -20.54 -13.58 -17.54
CA LEU A 198 -20.38 -12.22 -18.02
C LEU A 198 -21.65 -11.66 -18.63
N LEU A 199 -22.46 -12.51 -19.27
CA LEU A 199 -23.66 -12.03 -19.95
C LEU A 199 -24.68 -11.42 -19.00
N SER A 200 -24.62 -11.73 -17.70
CA SER A 200 -25.55 -11.21 -16.70
C SER A 200 -25.05 -9.93 -16.05
N ASN A 201 -24.64 -8.97 -16.88
CA ASN A 201 -24.05 -7.72 -16.42
C ASN A 201 -24.83 -6.50 -16.90
N MET B 13 14.89 18.17 16.45
CA MET B 13 13.53 18.40 15.94
C MET B 13 13.30 17.90 14.49
N GLN B 14 12.22 17.15 14.29
CA GLN B 14 11.92 16.48 13.02
C GLN B 14 10.58 16.95 12.50
N ILE B 15 10.45 17.00 11.16
CA ILE B 15 9.17 17.28 10.51
C ILE B 15 8.91 16.25 9.41
N PHE B 16 7.63 16.16 9.02
CA PHE B 16 7.17 15.26 7.98
C PHE B 16 6.78 16.07 6.75
N VAL B 17 7.18 15.59 5.57
CA VAL B 17 6.77 16.21 4.30
C VAL B 17 6.10 15.17 3.42
N SER B 18 4.96 15.51 2.84
CA SER B 18 4.24 14.53 2.06
C SER B 18 3.48 15.17 0.90
N THR B 19 3.42 14.44 -0.22
CA THR B 19 2.46 14.78 -1.26
C THR B 19 1.07 14.28 -0.94
N PHE B 20 0.97 13.31 -0.02
CA PHE B 20 -0.25 12.58 0.31
C PHE B 20 -0.67 11.63 -0.79
N VAL B 21 0.13 11.48 -1.85
CA VAL B 21 -0.25 10.60 -2.95
C VAL B 21 0.94 9.73 -3.35
N GLY B 22 1.86 9.47 -2.42
CA GLY B 22 2.91 8.49 -2.68
C GLY B 22 4.31 8.86 -2.26
N LEU B 23 4.52 10.12 -1.88
CA LEU B 23 5.77 10.58 -1.30
C LEU B 23 5.53 10.96 0.15
N THR B 24 6.37 10.41 1.04
CA THR B 24 6.36 10.81 2.45
C THR B 24 7.75 10.62 3.01
N ILE B 25 8.35 11.72 3.49
CA ILE B 25 9.69 11.65 4.06
C ILE B 25 9.71 12.37 5.40
N MET B 26 10.77 12.11 6.16
CA MET B 26 11.04 12.81 7.41
C MET B 26 12.38 13.52 7.30
N LEU B 27 12.40 14.78 7.72
CA LEU B 27 13.60 15.60 7.67
C LEU B 27 13.98 16.04 9.08
N GLU B 28 15.29 16.13 9.32
CA GLU B 28 15.82 16.75 10.53
C GLU B 28 16.05 18.24 10.25
N VAL B 29 15.49 19.09 11.12
CA VAL B 29 15.51 20.52 10.94
C VAL B 29 15.68 21.19 12.29
N GLU B 30 15.89 22.50 12.27
CA GLU B 30 15.83 23.37 13.44
C GLU B 30 14.83 24.49 13.17
N PRO B 31 14.27 25.08 14.23
CA PRO B 31 13.27 26.14 14.01
C PRO B 31 13.80 27.32 13.20
N SER B 32 15.11 27.56 13.24
CA SER B 32 15.73 28.66 12.50
C SER B 32 15.96 28.34 11.04
N ASP B 33 15.79 27.07 10.63
CA ASP B 33 15.94 26.71 9.22
C ASP B 33 14.88 27.42 8.38
N THR B 34 15.28 27.88 7.21
CA THR B 34 14.37 28.59 6.35
C THR B 34 13.65 27.64 5.41
N ILE B 35 12.53 28.10 4.87
CA ILE B 35 11.78 27.33 3.88
C ILE B 35 12.67 26.95 2.71
N GLU B 36 13.66 27.79 2.38
CA GLU B 36 14.62 27.42 1.35
C GLU B 36 15.53 26.30 1.84
N ASN B 37 15.94 26.33 3.11
CA ASN B 37 16.75 25.24 3.65
C ASN B 37 16.02 23.92 3.52
N VAL B 38 14.71 23.92 3.75
CA VAL B 38 13.92 22.70 3.71
C VAL B 38 13.84 22.15 2.29
N LYS B 39 13.49 23.01 1.33
CA LYS B 39 13.38 22.57 -0.06
C LYS B 39 14.70 22.03 -0.60
N ALA B 40 15.80 22.63 -0.16
CA ALA B 40 17.11 22.07 -0.48
C ALA B 40 17.25 20.66 0.05
N LYS B 41 16.88 20.45 1.33
CA LYS B 41 16.87 19.12 1.95
C LYS B 41 15.97 18.16 1.18
N ILE B 42 14.80 18.64 0.74
CA ILE B 42 13.91 17.80 -0.05
C ILE B 42 14.58 17.42 -1.36
N GLN B 43 15.23 18.38 -2.02
CA GLN B 43 15.96 18.10 -3.25
C GLN B 43 17.07 17.08 -3.01
N ASP B 44 17.75 17.19 -1.88
CA ASP B 44 18.83 16.26 -1.58
C ASP B 44 18.30 14.84 -1.41
N LYS B 45 17.20 14.68 -0.67
CA LYS B 45 16.64 13.37 -0.39
C LYS B 45 15.85 12.79 -1.57
N GLU B 46 15.12 13.62 -2.31
CA GLU B 46 14.23 13.11 -3.33
C GLU B 46 14.57 13.58 -4.74
N GLY B 47 15.46 14.56 -4.90
CA GLY B 47 15.85 15.00 -6.22
C GLY B 47 14.91 15.98 -6.90
N ILE B 48 13.89 16.46 -6.20
CA ILE B 48 12.97 17.44 -6.80
C ILE B 48 13.57 18.83 -6.73
N PRO B 49 13.71 19.52 -7.86
CA PRO B 49 14.26 20.88 -7.86
C PRO B 49 13.38 21.82 -7.05
N PRO B 50 13.97 22.73 -6.28
CA PRO B 50 13.15 23.59 -5.41
C PRO B 50 12.24 24.55 -6.16
N ASP B 51 12.55 24.90 -7.42
CA ASP B 51 11.61 25.70 -8.21
C ASP B 51 10.36 24.89 -8.55
N GLN B 52 10.47 23.56 -8.60
CA GLN B 52 9.33 22.69 -8.78
C GLN B 52 8.46 22.57 -7.54
N GLN B 53 8.95 22.99 -6.37
CA GLN B 53 8.39 22.60 -5.09
C GLN B 53 7.46 23.66 -4.52
N ARG B 54 6.31 23.21 -4.02
CA ARG B 54 5.37 24.02 -3.26
C ARG B 54 5.16 23.38 -1.89
N LEU B 55 5.38 24.14 -0.83
CA LEU B 55 5.17 23.65 0.51
C LEU B 55 4.05 24.43 1.19
N ILE B 56 3.17 23.72 1.89
CA ILE B 56 1.98 24.31 2.47
C ILE B 56 1.82 23.79 3.88
N PHE B 57 1.42 24.66 4.80
CA PHE B 57 1.24 24.27 6.20
C PHE B 57 -0.04 24.91 6.71
N ALA B 58 -1.04 24.07 6.99
CA ALA B 58 -2.36 24.53 7.42
C ALA B 58 -2.94 25.50 6.38
N GLY B 59 -3.07 25.00 5.16
CA GLY B 59 -3.68 25.77 4.09
C GLY B 59 -2.80 26.86 3.50
N LYS B 60 -2.04 27.56 4.34
CA LYS B 60 -1.27 28.71 3.88
C LYS B 60 0.03 28.24 3.22
N GLN B 61 0.23 28.63 1.95
CA GLN B 61 1.48 28.40 1.26
C GLN B 61 2.66 29.02 2.00
N LEU B 62 3.83 28.41 1.82
CA LEU B 62 5.04 28.82 2.54
C LEU B 62 6.00 29.49 1.55
N GLU B 63 6.47 30.68 1.92
CA GLU B 63 7.39 31.46 1.08
C GLU B 63 8.84 31.23 1.53
N ASP B 64 9.76 31.15 0.56
CA ASP B 64 11.09 30.64 0.82
C ASP B 64 11.89 31.48 1.81
N GLY B 65 11.46 32.71 2.10
CA GLY B 65 12.21 33.58 2.97
C GLY B 65 12.04 33.33 4.45
N ARG B 66 10.81 33.00 4.88
CA ARG B 66 10.52 32.87 6.30
C ARG B 66 11.15 31.59 6.86
N THR B 67 11.08 31.45 8.19
CA THR B 67 11.59 30.27 8.86
C THR B 67 10.43 29.41 9.32
N LEU B 68 10.78 28.24 9.88
CA LEU B 68 9.76 27.33 10.38
C LEU B 68 9.00 27.94 11.55
N SER B 69 9.69 28.69 12.41
CA SER B 69 9.03 29.30 13.56
C SER B 69 8.06 30.39 13.12
N ASP B 70 8.43 31.16 12.09
CA ASP B 70 7.53 32.16 11.53
C ASP B 70 6.14 31.58 11.28
N TYR B 71 6.08 30.34 10.77
CA TYR B 71 4.83 29.64 10.52
C TYR B 71 4.40 28.76 11.69
N ASN B 72 5.14 28.78 12.80
CA ASN B 72 4.82 27.97 13.99
C ASN B 72 4.91 26.47 13.70
N ILE B 73 5.87 26.10 12.86
CA ILE B 73 6.05 24.71 12.46
C ILE B 73 6.84 23.99 13.56
N GLN B 74 6.20 23.07 14.26
CA GLN B 74 6.78 22.43 15.43
C GLN B 74 7.34 21.07 15.07
N ASN B 75 7.81 20.35 16.10
CA ASN B 75 8.22 18.97 15.95
C ASN B 75 7.05 18.10 15.52
N ASP B 76 7.33 17.12 14.66
CA ASP B 76 6.34 16.21 14.08
C ASP B 76 5.23 16.93 13.31
N SER B 77 5.42 18.20 12.96
CA SER B 77 4.45 18.86 12.10
C SER B 77 4.49 18.25 10.71
N ILE B 78 3.36 18.28 10.03
CA ILE B 78 3.24 17.70 8.70
C ILE B 78 3.18 18.83 7.69
N LEU B 79 4.04 18.77 6.69
CA LEU B 79 4.06 19.72 5.60
C LEU B 79 3.64 19.00 4.32
N ARG B 80 2.67 19.59 3.61
CA ARG B 80 2.29 19.08 2.31
C ARG B 80 3.22 19.63 1.26
N LEU B 81 3.72 18.73 0.41
CA LEU B 81 4.50 19.10 -0.76
C LEU B 81 3.63 18.93 -1.99
N VAL B 82 3.58 19.95 -2.84
CA VAL B 82 3.01 19.82 -4.17
C VAL B 82 4.16 19.96 -5.17
N ILE B 83 4.29 18.98 -6.06
CA ILE B 83 5.17 19.10 -7.21
C ILE B 83 4.38 19.74 -8.35
N ARG B 84 4.73 20.97 -8.69
CA ARG B 84 4.19 21.60 -9.89
C ARG B 84 4.64 20.82 -11.11
N LEU B 85 3.74 20.73 -12.10
CA LEU B 85 3.95 19.81 -13.23
C LEU B 85 5.19 20.12 -14.05
N ARG B 86 5.83 21.29 -13.86
CA ARG B 86 7.21 21.56 -14.28
C ARG B 86 7.61 22.99 -13.91
#